data_5NFQ
#
_entry.id   5NFQ
#
_cell.length_a   41.200
_cell.length_b   84.180
_cell.length_c   157.450
_cell.angle_alpha   90.00
_cell.angle_beta   90.00
_cell.angle_gamma   90.00
#
_symmetry.space_group_name_H-M   'C 2 2 21'
#
loop_
_entity.id
_entity.type
_entity.pdbx_description
1 polymer 'epoxide hydrolase belonging to alpha/beta hydrolase superfamily metagenomic from Tomsk sample'
2 non-polymer DI(HYDROXYETHYL)ETHER
3 non-polymer 1,2-ETHANEDIOL
4 non-polymer 'TRIETHYLENE GLYCOL'
5 non-polymer IMIDAZOLE
6 water water
#
_entity_poly.entity_id   1
_entity_poly.type   'polypeptide(L)'
_entity_poly.pdbx_seq_one_letter_code
;MTFELKRVALPNGIHLDVVDEGPTDAPVLIFLHGFPESHRTWRHQIRHFSDRFRCIAPDQRGYRGSSKPQEVAAYTPDKL
IGDIFLLADTLGIGSFTIVGHDWGGAIAWGVALGGQHLRVERAIIANAPHPAIFQKLLYTHPVQREASQYIRGFRDPAND
ALVKEHGLTGLLMKEVKWDRPSAMEPEERDQLLRDWQNHDAAFGMLNYYRASPIDVPTMDAPFKVPAGYTPPQLPRLTIP
TLVIWALDDLALPPENLEGLEEIIDPLTIVRVPDCGHFVPWEAPDAVNAAMEGFLAGHHHHHH
;
_entity_poly.pdbx_strand_id   A
#
# COMPACT_ATOMS: atom_id res chain seq x y z
N MET A 1 -14.23 11.42 -13.15
N MET A 1 -12.92 11.69 -13.25
CA MET A 1 -13.14 11.49 -12.13
CA MET A 1 -13.81 10.91 -12.33
C MET A 1 -13.64 12.13 -10.83
C MET A 1 -13.57 11.31 -10.87
N THR A 2 -14.15 11.30 -9.92
N THR A 2 -14.65 11.33 -10.08
CA THR A 2 -14.56 11.78 -8.60
CA THR A 2 -14.59 11.70 -8.66
C THR A 2 -15.48 10.85 -7.81
C THR A 2 -15.53 10.88 -7.78
N PHE A 3 -15.03 10.49 -6.60
CA PHE A 3 -15.84 9.84 -5.57
C PHE A 3 -16.14 10.91 -4.53
N GLU A 4 -17.30 10.81 -3.88
CA GLU A 4 -17.61 11.64 -2.71
CA GLU A 4 -17.59 11.65 -2.72
C GLU A 4 -16.76 11.14 -1.54
N LEU A 5 -16.11 12.07 -0.84
CA LEU A 5 -15.32 11.71 0.34
C LEU A 5 -16.03 12.23 1.56
N LYS A 6 -15.99 11.44 2.63
CA LYS A 6 -16.41 11.91 3.92
C LYS A 6 -15.26 11.94 4.91
N ARG A 7 -15.25 12.96 5.76
CA ARG A 7 -14.21 13.12 6.76
CA ARG A 7 -14.22 13.15 6.78
C ARG A 7 -14.59 12.31 8.00
N VAL A 8 -13.69 11.42 8.40
CA VAL A 8 -13.93 10.51 9.52
C VAL A 8 -12.92 10.84 10.63
N ALA A 9 -13.42 11.33 11.76
CA ALA A 9 -12.55 11.65 12.90
C ALA A 9 -12.27 10.37 13.67
N LEU A 10 -11.00 10.14 14.02
CA LEU A 10 -10.54 8.93 14.73
C LEU A 10 -10.06 9.24 16.16
N PRO A 11 -10.11 8.25 17.06
CA PRO A 11 -9.81 8.55 18.48
C PRO A 11 -8.33 8.69 18.79
N ASN A 12 -7.48 8.57 17.76
CA ASN A 12 -6.05 8.90 17.90
C ASN A 12 -5.75 10.35 17.53
N GLY A 13 -6.81 11.12 17.27
CA GLY A 13 -6.67 12.54 16.94
C GLY A 13 -6.48 12.89 15.48
N ILE A 14 -6.47 11.86 14.62
N ILE A 14 -6.44 11.91 14.59
CA ILE A 14 -6.38 11.97 13.15
CA ILE A 14 -6.41 12.30 13.20
C ILE A 14 -7.78 12.02 12.53
C ILE A 14 -7.76 12.09 12.55
N HIS A 15 -7.94 12.70 11.39
CA HIS A 15 -9.09 12.41 10.55
C HIS A 15 -8.60 11.83 9.23
N LEU A 16 -9.44 10.99 8.63
CA LEU A 16 -9.19 10.46 7.28
C LEU A 16 -10.36 10.83 6.40
N ASP A 17 -10.05 11.28 5.18
CA ASP A 17 -11.10 11.45 4.18
C ASP A 17 -11.27 10.12 3.46
N VAL A 18 -12.51 9.65 3.31
CA VAL A 18 -12.75 8.29 2.81
CA VAL A 18 -12.77 8.26 2.88
C VAL A 18 -13.89 8.17 1.83
N VAL A 19 -13.71 7.24 0.89
CA VAL A 19 -14.76 6.80 -0.03
C VAL A 19 -15.56 5.78 0.75
N ASP A 20 -16.88 5.82 0.64
CA ASP A 20 -17.74 4.82 1.26
C ASP A 20 -18.87 4.63 0.29
N GLU A 21 -18.74 3.59 -0.52
CA GLU A 21 -19.70 3.29 -1.59
CA GLU A 21 -19.69 3.31 -1.60
C GLU A 21 -20.27 1.90 -1.40
N GLY A 22 -21.51 1.69 -1.84
CA GLY A 22 -22.09 0.36 -1.79
C GLY A 22 -23.10 0.14 -0.65
N PRO A 23 -23.80 -1.01 -0.66
CA PRO A 23 -24.84 -1.27 0.36
C PRO A 23 -24.27 -1.36 1.77
N THR A 24 -24.93 -0.64 2.69
CA THR A 24 -24.48 -0.50 4.10
C THR A 24 -24.21 -1.82 4.82
N ASP A 25 -25.05 -2.84 4.55
CA ASP A 25 -24.95 -4.12 5.25
CA ASP A 25 -24.98 -4.13 5.25
C ASP A 25 -24.33 -5.23 4.40
N ALA A 26 -23.72 -4.85 3.27
CA ALA A 26 -23.07 -5.81 2.39
C ALA A 26 -21.69 -6.20 2.99
N PRO A 27 -21.11 -7.35 2.58
CA PRO A 27 -19.72 -7.63 3.03
C PRO A 27 -18.81 -6.46 2.64
N VAL A 28 -17.80 -6.21 3.48
CA VAL A 28 -17.01 -4.96 3.35
C VAL A 28 -15.64 -5.26 2.73
N LEU A 29 -15.26 -4.40 1.79
CA LEU A 29 -13.89 -4.37 1.26
C LEU A 29 -13.28 -3.03 1.64
N ILE A 30 -12.17 -3.05 2.37
CA ILE A 30 -11.47 -1.80 2.69
C ILE A 30 -10.22 -1.78 1.80
N PHE A 31 -10.13 -0.76 0.94
CA PHE A 31 -9.06 -0.61 -0.08
C PHE A 31 -8.04 0.42 0.39
N LEU A 32 -6.76 0.02 0.38
CA LEU A 32 -5.64 0.89 0.77
C LEU A 32 -4.69 1.13 -0.42
N HIS A 33 -4.56 2.40 -0.81
CA HIS A 33 -3.62 2.83 -1.84
C HIS A 33 -2.19 2.80 -1.35
N GLY A 34 -1.28 3.06 -2.28
CA GLY A 34 0.14 3.27 -1.93
C GLY A 34 0.67 4.60 -2.38
N PHE A 35 1.99 4.65 -2.50
CA PHE A 35 2.73 5.88 -2.78
C PHE A 35 2.98 5.98 -4.29
N PRO A 36 2.83 7.16 -4.90
CA PRO A 36 2.43 8.42 -4.29
C PRO A 36 1.01 8.77 -4.77
N GLU A 37 0.06 7.91 -4.43
CA GLU A 37 -1.26 7.99 -5.04
C GLU A 37 -2.29 8.51 -4.04
N SER A 38 -3.42 7.82 -3.91
CA SER A 38 -4.57 8.33 -3.14
C SER A 38 -5.66 7.27 -3.14
N HIS A 39 -6.81 7.57 -2.51
CA HIS A 39 -7.99 6.71 -2.58
C HIS A 39 -8.34 6.30 -4.02
N ARG A 40 -7.89 7.07 -5.00
CA ARG A 40 -8.18 6.72 -6.41
C ARG A 40 -7.43 5.50 -6.94
N THR A 41 -6.43 5.00 -6.23
CA THR A 41 -5.64 3.86 -6.73
C THR A 41 -6.53 2.68 -7.16
N TRP A 42 -7.51 2.36 -6.32
CA TRP A 42 -8.34 1.18 -6.55
C TRP A 42 -9.67 1.57 -7.20
N ARG A 43 -9.68 2.73 -7.86
CA ARG A 43 -10.90 3.25 -8.52
C ARG A 43 -11.70 2.22 -9.33
N HIS A 44 -11.01 1.43 -10.15
CA HIS A 44 -11.66 0.47 -11.02
C HIS A 44 -12.33 -0.60 -10.22
N GLN A 45 -11.68 -1.03 -9.13
CA GLN A 45 -12.24 -2.12 -8.30
C GLN A 45 -13.38 -1.62 -7.43
N ILE A 46 -13.24 -0.38 -6.92
CA ILE A 46 -14.33 0.21 -6.13
C ILE A 46 -15.59 0.30 -7.00
N ARG A 47 -15.45 0.82 -8.23
CA ARG A 47 -16.64 0.94 -9.11
CA ARG A 47 -16.59 0.94 -9.16
C ARG A 47 -17.13 -0.43 -9.54
N HIS A 48 -16.24 -1.39 -9.67
CA HIS A 48 -16.63 -2.75 -10.10
C HIS A 48 -17.44 -3.50 -9.02
N PHE A 49 -17.12 -3.29 -7.75
CA PHE A 49 -17.69 -4.15 -6.68
C PHE A 49 -18.73 -3.48 -5.80
N SER A 50 -18.93 -2.17 -5.99
CA SER A 50 -19.77 -1.40 -5.07
C SER A 50 -21.26 -1.63 -5.30
N ASP A 51 -21.62 -2.42 -6.31
CA ASP A 51 -23.03 -2.87 -6.42
C ASP A 51 -23.35 -3.99 -5.44
N ARG A 52 -22.33 -4.73 -5.01
CA ARG A 52 -22.50 -5.92 -4.15
C ARG A 52 -21.79 -5.86 -2.82
N PHE A 53 -20.80 -4.96 -2.71
CA PHE A 53 -19.95 -4.87 -1.53
C PHE A 53 -19.91 -3.45 -1.03
N ARG A 54 -19.76 -3.30 0.29
CA ARG A 54 -19.51 -2.00 0.83
C ARG A 54 -18.02 -1.75 0.65
N CYS A 55 -17.71 -0.70 -0.10
CA CYS A 55 -16.33 -0.42 -0.47
C CYS A 55 -15.86 0.86 0.23
N ILE A 56 -14.84 0.73 1.10
CA ILE A 56 -14.30 1.83 1.87
C ILE A 56 -12.89 2.12 1.33
N ALA A 57 -12.58 3.37 1.03
CA ALA A 57 -11.22 3.66 0.53
C ALA A 57 -10.74 4.99 1.06
N PRO A 58 -9.84 4.95 2.06
CA PRO A 58 -9.35 6.21 2.59
C PRO A 58 -8.24 6.83 1.77
N ASP A 59 -8.15 8.16 1.81
CA ASP A 59 -6.85 8.80 1.65
C ASP A 59 -6.19 8.57 3.01
N GLN A 60 -5.09 7.83 3.02
CA GLN A 60 -4.47 7.48 4.30
C GLN A 60 -3.76 8.69 4.91
N ARG A 61 -3.30 8.52 6.15
CA ARG A 61 -2.66 9.61 6.90
C ARG A 61 -1.53 10.16 6.02
N GLY A 62 -1.39 11.48 5.97
CA GLY A 62 -0.34 12.09 5.16
C GLY A 62 -0.76 12.44 3.75
N TYR A 63 -1.93 11.93 3.33
CA TYR A 63 -2.40 12.10 1.97
C TYR A 63 -3.55 13.08 1.82
N ARG A 64 -3.45 13.94 0.79
CA ARG A 64 -4.55 14.82 0.38
C ARG A 64 -5.13 15.58 1.58
N GLY A 65 -6.43 15.44 1.82
CA GLY A 65 -7.11 16.20 2.86
C GLY A 65 -7.15 15.50 4.19
N SER A 66 -6.64 14.28 4.29
CA SER A 66 -6.51 13.63 5.59
C SER A 66 -5.48 14.35 6.47
N SER A 67 -5.44 14.04 7.76
CA SER A 67 -4.43 14.68 8.63
C SER A 67 -3.01 14.45 8.10
N LYS A 68 -2.19 15.50 8.13
CA LYS A 68 -0.84 15.45 7.62
C LYS A 68 0.14 15.93 8.71
N PRO A 69 0.24 15.19 9.85
CA PRO A 69 1.27 15.54 10.82
C PRO A 69 2.65 15.50 10.14
N GLN A 70 3.53 16.44 10.49
CA GLN A 70 4.82 16.53 9.80
C GLN A 70 5.94 15.68 10.40
N GLU A 71 5.77 15.29 11.68
CA GLU A 71 6.79 14.50 12.35
C GLU A 71 6.85 13.09 11.78
N VAL A 72 8.09 12.64 11.54
CA VAL A 72 8.32 11.31 10.99
C VAL A 72 7.63 10.24 11.81
N ALA A 73 7.76 10.31 13.14
CA ALA A 73 7.18 9.26 14.01
C ALA A 73 5.67 9.10 13.97
N ALA A 74 4.96 10.08 13.38
CA ALA A 74 3.51 9.95 13.22
C ALA A 74 3.19 8.88 12.16
N TYR A 75 4.23 8.35 11.50
CA TYR A 75 3.99 7.39 10.41
C TYR A 75 4.61 6.01 10.64
N THR A 76 4.93 5.70 11.89
CA THR A 76 5.46 4.34 12.23
C THR A 76 4.39 3.32 11.86
N PRO A 77 4.80 2.08 11.48
CA PRO A 77 3.85 1.07 10.95
C PRO A 77 2.68 0.78 11.90
N ASP A 78 2.94 0.79 13.21
CA ASP A 78 1.87 0.54 14.18
C ASP A 78 0.74 1.55 14.10
N LYS A 79 1.10 2.82 13.85
CA LYS A 79 0.13 3.89 13.72
C LYS A 79 -0.67 3.73 12.44
N LEU A 80 0.01 3.40 11.35
CA LEU A 80 -0.68 3.21 10.06
C LEU A 80 -1.66 2.03 10.05
N ILE A 81 -1.23 0.94 10.70
CA ILE A 81 -2.09 -0.24 10.86
C ILE A 81 -3.26 0.11 11.78
N GLY A 82 -2.94 0.80 12.88
CA GLY A 82 -3.96 1.22 13.86
C GLY A 82 -5.07 2.06 13.25
N ASP A 83 -4.69 2.97 12.35
CA ASP A 83 -5.65 3.84 11.66
C ASP A 83 -6.75 3.04 10.99
N ILE A 84 -6.38 1.90 10.40
CA ILE A 84 -7.37 1.07 9.71
C ILE A 84 -8.37 0.41 10.67
N PHE A 85 -7.90 -0.15 11.77
CA PHE A 85 -8.85 -0.70 12.75
C PHE A 85 -9.75 0.40 13.32
N LEU A 86 -9.15 1.56 13.63
CA LEU A 86 -9.93 2.68 14.15
C LEU A 86 -10.94 3.21 13.14
N LEU A 87 -10.56 3.20 11.86
CA LEU A 87 -11.50 3.57 10.78
C LEU A 87 -12.68 2.59 10.74
N ALA A 88 -12.39 1.28 10.80
CA ALA A 88 -13.47 0.26 10.78
C ALA A 88 -14.37 0.46 12.02
N ASP A 89 -13.75 0.67 13.19
CA ASP A 89 -14.49 0.93 14.45
C ASP A 89 -15.47 2.09 14.31
N THR A 90 -14.98 3.20 13.78
CA THR A 90 -15.75 4.43 13.64
C THR A 90 -16.91 4.27 12.66
N LEU A 91 -16.72 3.48 11.61
CA LEU A 91 -17.78 3.23 10.65
C LEU A 91 -18.73 2.09 11.08
N GLY A 92 -18.49 1.51 12.25
CA GLY A 92 -19.29 0.40 12.76
C GLY A 92 -19.12 -0.93 12.03
N ILE A 93 -17.91 -1.16 11.50
CA ILE A 93 -17.64 -2.33 10.68
C ILE A 93 -16.91 -3.36 11.54
N GLY A 94 -17.58 -4.47 11.83
CA GLY A 94 -16.99 -5.51 12.69
C GLY A 94 -15.92 -6.34 12.00
N SER A 95 -16.22 -6.80 10.79
CA SER A 95 -15.25 -7.57 10.01
CA SER A 95 -15.22 -7.54 10.02
C SER A 95 -15.22 -7.13 8.56
N PHE A 96 -14.06 -7.26 7.92
CA PHE A 96 -13.90 -6.79 6.54
C PHE A 96 -12.81 -7.60 5.85
N THR A 97 -12.78 -7.47 4.52
CA THR A 97 -11.67 -7.91 3.70
C THR A 97 -10.77 -6.72 3.52
N ILE A 98 -9.47 -6.91 3.77
CA ILE A 98 -8.53 -5.83 3.60
C ILE A 98 -7.89 -6.02 2.22
N VAL A 99 -7.79 -4.92 1.45
CA VAL A 99 -7.28 -4.93 0.08
C VAL A 99 -6.20 -3.86 -0.01
N GLY A 100 -4.97 -4.21 -0.37
CA GLY A 100 -3.92 -3.16 -0.36
C GLY A 100 -2.93 -3.28 -1.48
N HIS A 101 -2.42 -2.12 -1.94
CA HIS A 101 -1.37 -2.06 -2.99
C HIS A 101 -0.18 -1.28 -2.45
N ASP A 102 1.06 -1.77 -2.70
CA ASP A 102 2.28 -0.99 -2.35
C ASP A 102 2.25 -0.70 -0.81
N TRP A 103 2.50 0.54 -0.36
CA TRP A 103 2.40 0.83 1.09
C TRP A 103 1.07 0.39 1.71
N GLY A 104 -0.03 0.58 0.97
CA GLY A 104 -1.32 0.07 1.43
C GLY A 104 -1.32 -1.43 1.62
N GLY A 105 -0.60 -2.15 0.76
CA GLY A 105 -0.46 -3.60 0.92
C GLY A 105 0.43 -3.99 2.08
N ALA A 106 1.51 -3.24 2.32
CA ALA A 106 2.34 -3.51 3.49
C ALA A 106 1.49 -3.35 4.76
N ILE A 107 0.71 -2.27 4.78
CA ILE A 107 -0.20 -1.98 5.90
C ILE A 107 -1.25 -3.10 5.96
N ALA A 108 -1.77 -3.51 4.80
CA ALA A 108 -2.77 -4.58 4.72
C ALA A 108 -2.22 -5.91 5.28
N TRP A 109 -0.95 -6.24 5.00
CA TRP A 109 -0.35 -7.46 5.58
C TRP A 109 -0.41 -7.37 7.10
N GLY A 110 -0.05 -6.20 7.64
CA GLY A 110 -0.05 -6.00 9.10
C GLY A 110 -1.46 -6.12 9.69
N VAL A 111 -2.41 -5.48 9.03
CA VAL A 111 -3.84 -5.53 9.38
C VAL A 111 -4.31 -6.97 9.38
N ALA A 112 -4.00 -7.70 8.29
CA ALA A 112 -4.42 -9.09 8.19
C ALA A 112 -3.78 -9.98 9.25
N LEU A 113 -2.47 -9.84 9.45
CA LEU A 113 -1.77 -10.71 10.38
C LEU A 113 -2.23 -10.49 11.81
N GLY A 114 -2.47 -9.22 12.16
CA GLY A 114 -2.88 -8.89 13.53
C GLY A 114 -4.35 -9.15 13.75
N GLY A 115 -5.17 -8.88 12.73
CA GLY A 115 -6.64 -8.85 12.90
C GLY A 115 -7.38 -10.04 12.35
N GLN A 116 -6.68 -10.94 11.67
CA GLN A 116 -7.30 -12.17 11.11
C GLN A 116 -8.26 -12.90 12.08
N HIS A 117 -9.45 -13.25 11.59
CA HIS A 117 -10.49 -13.99 12.36
C HIS A 117 -11.21 -13.17 13.43
N LEU A 118 -10.62 -12.07 13.87
CA LEU A 118 -11.32 -11.17 14.79
C LEU A 118 -11.98 -10.03 14.03
N ARG A 119 -11.20 -9.35 13.18
CA ARG A 119 -11.66 -8.18 12.42
C ARG A 119 -11.51 -8.39 10.92
N VAL A 120 -10.63 -9.30 10.52
CA VAL A 120 -10.28 -9.45 9.10
C VAL A 120 -10.60 -10.85 8.62
N GLU A 121 -11.50 -10.95 7.65
CA GLU A 121 -12.00 -12.26 7.19
C GLU A 121 -11.31 -12.79 5.92
N ARG A 122 -10.77 -11.86 5.11
CA ARG A 122 -10.01 -12.18 3.89
C ARG A 122 -8.97 -11.08 3.65
N ALA A 123 -7.94 -11.40 2.87
CA ALA A 123 -6.91 -10.41 2.49
C ALA A 123 -6.64 -10.49 1.00
N ILE A 124 -6.47 -9.32 0.38
CA ILE A 124 -6.12 -9.22 -1.04
C ILE A 124 -4.96 -8.25 -1.08
N ILE A 125 -3.82 -8.72 -1.57
CA ILE A 125 -2.60 -7.91 -1.56
C ILE A 125 -2.10 -7.85 -3.00
N ALA A 126 -1.84 -6.64 -3.51
CA ALA A 126 -1.31 -6.47 -4.85
C ALA A 126 0.04 -5.75 -4.78
N ASN A 127 1.11 -6.41 -5.24
CA ASN A 127 2.45 -5.79 -5.29
C ASN A 127 2.80 -5.02 -4.03
N ALA A 128 2.88 -5.79 -2.95
CA ALA A 128 3.39 -5.29 -1.67
C ALA A 128 4.07 -6.47 -0.97
N PRO A 129 5.31 -6.28 -0.53
CA PRO A 129 6.08 -7.39 0.02
C PRO A 129 5.61 -7.78 1.41
N HIS A 130 5.74 -9.06 1.73
CA HIS A 130 5.30 -9.59 3.00
C HIS A 130 6.36 -9.33 4.04
N PRO A 131 5.95 -8.93 5.26
CA PRO A 131 6.91 -8.58 6.30
C PRO A 131 7.80 -9.75 6.78
N ALA A 132 7.41 -11.00 6.51
CA ALA A 132 8.25 -12.15 6.89
C ALA A 132 9.38 -12.34 5.87
N ILE A 133 9.23 -11.75 4.71
CA ILE A 133 10.06 -12.05 3.56
C ILE A 133 10.97 -10.87 3.19
N PHE A 134 10.42 -9.65 3.26
CA PHE A 134 11.04 -8.51 2.58
C PHE A 134 12.41 -8.13 3.13
N GLN A 135 12.52 -8.03 4.46
CA GLN A 135 13.80 -7.60 5.05
C GLN A 135 14.90 -8.61 4.70
N LYS A 136 14.59 -9.90 4.78
CA LYS A 136 15.54 -10.94 4.41
CA LYS A 136 15.57 -10.92 4.42
C LYS A 136 16.02 -10.78 2.96
N LEU A 137 15.05 -10.55 2.05
CA LEU A 137 15.40 -10.35 0.63
CA LEU A 137 15.35 -10.34 0.63
C LEU A 137 16.29 -9.16 0.40
N LEU A 138 16.05 -8.05 1.12
CA LEU A 138 16.93 -6.89 1.01
C LEU A 138 18.36 -7.21 1.44
N TYR A 139 18.50 -8.12 2.41
CA TYR A 139 19.86 -8.53 2.84
C TYR A 139 20.53 -9.48 1.85
N THR A 140 19.78 -10.47 1.36
CA THR A 140 20.35 -11.60 0.64
C THR A 140 20.35 -11.49 -0.89
N HIS A 141 19.39 -10.74 -1.44
CA HIS A 141 19.13 -10.73 -2.89
C HIS A 141 19.47 -9.41 -3.54
N PRO A 142 20.57 -9.37 -4.32
CA PRO A 142 20.90 -8.15 -5.06
C PRO A 142 19.77 -7.60 -5.90
N VAL A 143 18.92 -8.48 -6.47
CA VAL A 143 17.84 -7.98 -7.33
C VAL A 143 16.91 -7.07 -6.53
N GLN A 144 16.62 -7.49 -5.30
CA GLN A 144 15.72 -6.71 -4.44
C GLN A 144 16.43 -5.50 -3.87
N ARG A 145 17.63 -5.68 -3.33
CA ARG A 145 18.38 -4.53 -2.83
C ARG A 145 18.54 -3.43 -3.89
N GLU A 146 18.84 -3.81 -5.14
CA GLU A 146 19.00 -2.81 -6.18
CA GLU A 146 18.99 -2.83 -6.22
C GLU A 146 17.66 -2.11 -6.44
N ALA A 147 16.59 -2.94 -6.48
CA ALA A 147 15.22 -2.48 -6.71
C ALA A 147 14.75 -1.43 -5.69
N SER A 148 15.26 -1.53 -4.46
CA SER A 148 14.83 -0.69 -3.34
C SER A 148 15.74 0.48 -3.02
N GLN A 149 16.78 0.70 -3.83
CA GLN A 149 17.70 1.83 -3.57
C GLN A 149 17.01 3.19 -3.52
N TYR A 150 15.88 3.36 -4.25
CA TYR A 150 15.15 4.64 -4.23
C TYR A 150 14.72 5.04 -2.80
N ILE A 151 14.45 4.03 -1.97
CA ILE A 151 14.04 4.26 -0.57
C ILE A 151 15.10 5.07 0.18
N ARG A 152 16.36 4.79 -0.12
CA ARG A 152 17.47 5.56 0.51
C ARG A 152 17.41 7.02 0.11
N GLY A 153 17.07 7.28 -1.16
CA GLY A 153 16.85 8.66 -1.66
C GLY A 153 15.68 9.34 -0.97
N PHE A 154 14.56 8.64 -0.85
CA PHE A 154 13.38 9.20 -0.20
C PHE A 154 13.64 9.52 1.27
N ARG A 155 14.59 8.80 1.88
CA ARG A 155 14.93 9.03 3.28
C ARG A 155 15.93 10.16 3.50
N ASP A 156 16.54 10.64 2.42
CA ASP A 156 17.68 11.55 2.56
C ASP A 156 17.18 12.97 2.81
N PRO A 157 17.42 13.51 4.04
CA PRO A 157 16.92 14.86 4.32
C PRO A 157 17.57 15.98 3.47
N ALA A 158 18.68 15.67 2.79
CA ALA A 158 19.28 16.60 1.81
C ALA A 158 18.37 16.83 0.60
N ASN A 159 17.40 15.92 0.38
CA ASN A 159 16.38 16.12 -0.67
C ASN A 159 15.20 17.02 -0.32
N ASP A 160 15.07 17.42 0.94
CA ASP A 160 13.91 18.19 1.36
C ASP A 160 13.84 19.58 0.73
N ALA A 161 15.01 20.19 0.49
CA ALA A 161 15.03 21.50 -0.16
C ALA A 161 14.34 21.44 -1.52
N LEU A 162 14.55 20.34 -2.24
CA LEU A 162 13.93 20.13 -3.56
C LEU A 162 12.41 19.97 -3.46
N VAL A 163 11.95 19.21 -2.46
CA VAL A 163 10.52 19.06 -2.22
C VAL A 163 9.85 20.42 -1.84
N LYS A 164 10.52 21.22 -1.03
CA LYS A 164 9.98 22.50 -0.62
C LYS A 164 9.86 23.49 -1.78
N GLU A 165 10.80 23.40 -2.73
CA GLU A 165 10.79 24.27 -3.90
CA GLU A 165 10.81 24.27 -3.92
C GLU A 165 9.77 23.79 -4.93
N HIS A 166 9.71 22.48 -5.16
CA HIS A 166 9.00 21.91 -6.31
C HIS A 166 7.89 20.91 -6.01
N GLY A 167 7.55 20.77 -4.74
CA GLY A 167 6.63 19.73 -4.28
C GLY A 167 7.23 18.35 -4.47
N LEU A 168 6.42 17.33 -4.22
CA LEU A 168 6.89 15.97 -4.34
C LEU A 168 7.46 15.67 -5.73
N THR A 169 6.86 16.32 -6.73
CA THR A 169 7.15 16.07 -8.14
C THR A 169 8.62 16.24 -8.46
N GLY A 170 9.24 17.24 -7.82
CA GLY A 170 10.66 17.51 -7.99
C GLY A 170 11.54 16.34 -7.58
N LEU A 171 11.23 15.74 -6.42
CA LEU A 171 11.98 14.57 -5.95
C LEU A 171 11.71 13.32 -6.80
N LEU A 172 10.45 13.11 -7.20
CA LEU A 172 10.12 12.00 -8.09
C LEU A 172 10.90 12.12 -9.42
N MET A 173 11.03 13.35 -9.94
CA MET A 173 11.77 13.69 -11.19
CA MET A 173 11.76 13.60 -11.19
C MET A 173 13.27 13.43 -11.00
N LYS A 174 13.76 13.82 -9.81
CA LYS A 174 15.19 13.71 -9.48
C LYS A 174 15.60 12.28 -9.15
N GLU A 175 14.75 11.55 -8.41
CA GLU A 175 15.10 10.22 -7.93
C GLU A 175 14.89 9.19 -9.01
N VAL A 176 15.94 9.08 -9.85
CA VAL A 176 15.98 8.18 -11.02
C VAL A 176 15.84 6.70 -10.66
N LYS A 177 16.08 6.37 -9.39
CA LYS A 177 15.98 4.99 -8.92
C LYS A 177 14.53 4.57 -8.62
N TRP A 178 13.65 5.56 -8.55
CA TRP A 178 12.18 5.32 -8.32
C TRP A 178 11.51 4.86 -9.62
N ASP A 179 10.72 3.79 -9.50
CA ASP A 179 10.04 3.16 -10.64
C ASP A 179 8.76 3.94 -10.94
N ARG A 180 8.72 4.59 -12.10
CA ARG A 180 7.65 5.54 -12.45
C ARG A 180 6.40 4.84 -12.96
N PRO A 181 5.21 5.47 -12.82
CA PRO A 181 4.02 4.80 -13.34
C PRO A 181 3.96 4.72 -14.87
N SER A 182 3.22 3.73 -15.35
CA SER A 182 2.89 3.64 -16.77
C SER A 182 1.84 4.69 -17.12
N ALA A 183 1.41 4.68 -18.39
CA ALA A 183 0.46 5.65 -18.91
C ALA A 183 -0.88 5.59 -18.17
N MET A 184 -1.36 6.75 -17.72
CA MET A 184 -2.63 6.84 -16.99
C MET A 184 -3.54 7.83 -17.68
N GLU A 185 -4.84 7.78 -17.36
CA GLU A 185 -5.76 8.76 -17.93
C GLU A 185 -5.34 10.17 -17.46
N PRO A 186 -5.38 11.15 -18.38
CA PRO A 186 -5.00 12.53 -18.11
C PRO A 186 -5.63 13.13 -16.84
N GLU A 187 -6.91 12.84 -16.59
CA GLU A 187 -7.66 13.37 -15.43
CA GLU A 187 -7.62 13.41 -15.44
C GLU A 187 -7.04 12.87 -14.13
N GLU A 188 -6.62 11.60 -14.13
CA GLU A 188 -5.98 11.00 -12.95
C GLU A 188 -4.62 11.62 -12.69
N ARG A 189 -3.87 11.81 -13.79
CA ARG A 189 -2.53 12.42 -13.69
C ARG A 189 -2.62 13.83 -13.18
N ASP A 190 -3.59 14.59 -13.70
CA ASP A 190 -3.78 15.97 -13.30
C ASP A 190 -4.05 16.10 -11.81
N GLN A 191 -4.86 15.18 -11.27
CA GLN A 191 -5.19 15.21 -9.84
CA GLN A 191 -5.19 15.22 -9.83
C GLN A 191 -3.95 14.98 -8.99
N LEU A 192 -3.15 14.00 -9.38
CA LEU A 192 -1.91 13.67 -8.66
C LEU A 192 -0.95 14.86 -8.72
N LEU A 193 -0.80 15.46 -9.90
CA LEU A 193 0.13 16.61 -10.00
C LEU A 193 -0.32 17.76 -9.11
N ARG A 194 -1.64 17.95 -8.99
CA ARG A 194 -2.18 18.94 -8.07
CA ARG A 194 -2.22 18.92 -8.05
C ARG A 194 -1.93 18.52 -6.62
N ASP A 195 -2.24 17.25 -6.28
CA ASP A 195 -1.98 16.67 -4.92
C ASP A 195 -0.53 16.90 -4.48
N TRP A 196 0.41 16.73 -5.41
CA TRP A 196 1.84 16.67 -5.07
C TRP A 196 2.43 18.05 -4.79
N GLN A 197 1.67 19.09 -5.14
CA GLN A 197 2.06 20.46 -4.79
C GLN A 197 1.82 20.86 -3.34
N ASN A 198 1.13 20.03 -2.58
CA ASN A 198 0.90 20.32 -1.17
C ASN A 198 2.09 19.85 -0.39
N HIS A 199 2.87 20.81 0.15
CA HIS A 199 4.10 20.59 0.94
CA HIS A 199 4.11 20.46 0.84
C HIS A 199 3.88 19.59 2.06
N ASP A 200 2.81 19.81 2.82
CA ASP A 200 2.55 18.98 4.00
C ASP A 200 2.26 17.54 3.59
N ALA A 201 1.55 17.38 2.48
CA ALA A 201 1.28 16.03 1.97
C ALA A 201 2.55 15.37 1.46
N ALA A 202 3.37 16.11 0.73
CA ALA A 202 4.60 15.54 0.17
C ALA A 202 5.45 14.91 1.28
N PHE A 203 5.62 15.64 2.38
CA PHE A 203 6.37 15.09 3.49
C PHE A 203 5.69 14.00 4.27
N GLY A 204 4.38 14.12 4.48
CA GLY A 204 3.59 13.04 5.11
C GLY A 204 3.72 11.74 4.33
N MET A 205 3.60 11.85 3.01
CA MET A 205 3.71 10.69 2.11
C MET A 205 5.11 10.07 2.18
N LEU A 206 6.14 10.92 2.11
CA LEU A 206 7.54 10.45 2.23
C LEU A 206 7.83 9.88 3.62
N ASN A 207 7.12 10.36 4.65
CA ASN A 207 7.36 9.89 6.01
C ASN A 207 7.07 8.40 6.22
N TYR A 208 6.25 7.79 5.36
CA TYR A 208 6.07 6.32 5.46
C TYR A 208 7.42 5.61 5.38
N TYR A 209 8.24 6.02 4.40
CA TYR A 209 9.57 5.44 4.26
C TYR A 209 10.49 5.85 5.39
N ARG A 210 10.37 7.12 5.80
CA ARG A 210 11.27 7.67 6.84
C ARG A 210 11.03 7.03 8.23
N ALA A 211 9.78 6.62 8.48
CA ALA A 211 9.41 6.04 9.75
C ALA A 211 9.55 4.51 9.75
N SER A 212 9.70 3.91 8.57
CA SER A 212 9.73 2.46 8.47
C SER A 212 11.03 1.89 9.07
N PRO A 213 10.91 0.79 9.81
CA PRO A 213 12.15 0.24 10.39
C PRO A 213 12.94 -0.61 9.38
N ILE A 214 12.44 -0.72 8.15
CA ILE A 214 13.09 -1.56 7.15
CA ILE A 214 13.09 -1.52 7.10
C ILE A 214 14.52 -1.01 6.87
N ASP A 215 15.48 -1.92 6.79
CA ASP A 215 16.89 -1.59 6.53
C ASP A 215 17.18 -1.85 5.03
N VAL A 216 17.49 -0.78 4.28
CA VAL A 216 17.85 -0.91 2.87
C VAL A 216 19.35 -0.57 2.78
N PRO A 217 20.21 -1.60 2.78
CA PRO A 217 21.65 -1.29 2.72
C PRO A 217 22.04 -0.75 1.35
N THR A 218 23.21 -0.10 1.28
CA THR A 218 23.80 0.20 -0.02
C THR A 218 24.20 -1.11 -0.71
N MET A 219 24.49 -1.01 -2.01
CA MET A 219 24.89 -2.17 -2.79
C MET A 219 26.29 -2.70 -2.41
N ASP A 220 27.02 -1.90 -1.63
CA ASP A 220 28.34 -2.29 -1.09
C ASP A 220 28.34 -3.29 0.06
N ALA A 221 27.25 -3.33 0.84
CA ALA A 221 27.21 -4.18 2.02
C ALA A 221 27.17 -5.66 1.60
N PRO A 222 27.70 -6.55 2.45
CA PRO A 222 27.60 -8.00 2.19
C PRO A 222 26.15 -8.45 1.96
N PHE A 223 25.99 -9.43 1.08
CA PHE A 223 24.68 -10.04 0.82
C PHE A 223 24.43 -11.23 1.76
N LYS A 224 24.30 -10.89 3.04
CA LYS A 224 24.01 -11.85 4.10
CA LYS A 224 24.07 -11.83 4.13
C LYS A 224 23.17 -11.14 5.16
N VAL A 225 22.39 -11.93 5.89
CA VAL A 225 21.61 -11.44 7.01
C VAL A 225 22.61 -11.10 8.13
N PRO A 226 22.58 -9.87 8.67
CA PRO A 226 23.53 -9.50 9.74
C PRO A 226 23.39 -10.42 10.94
N ALA A 227 24.49 -10.63 11.65
CA ALA A 227 24.54 -11.58 12.76
C ALA A 227 23.55 -11.21 13.87
N GLY A 228 23.32 -9.91 14.06
CA GLY A 228 22.40 -9.40 15.08
C GLY A 228 20.96 -9.21 14.64
N TYR A 229 20.62 -9.60 13.41
CA TYR A 229 19.23 -9.52 12.95
C TYR A 229 18.37 -10.67 13.50
N THR A 230 17.32 -10.31 14.24
CA THR A 230 16.36 -11.27 14.78
C THR A 230 15.08 -11.14 13.96
N PRO A 231 14.72 -12.18 13.17
N PRO A 231 14.65 -12.24 13.27
CA PRO A 231 13.49 -12.12 12.35
CA PRO A 231 13.38 -12.27 12.52
C PRO A 231 12.24 -11.99 13.22
C PRO A 231 12.16 -11.94 13.37
N PRO A 232 11.53 -10.86 13.10
N PRO A 232 11.04 -11.61 12.72
CA PRO A 232 10.31 -10.71 13.88
CA PRO A 232 9.91 -10.98 13.40
C PRO A 232 9.49 -12.00 13.85
C PRO A 232 9.03 -11.90 14.26
N GLN A 233 9.03 -12.44 15.01
N GLN A 233 9.09 -13.22 14.03
CA GLN A 233 8.15 -13.60 15.06
CA GLN A 233 8.28 -14.17 14.81
C GLN A 233 6.78 -13.18 14.57
C GLN A 233 6.77 -13.94 14.67
N LEU A 234 6.35 -13.70 13.43
CA LEU A 234 4.97 -13.44 13.00
C LEU A 234 4.07 -14.66 13.04
N PRO A 235 2.75 -14.47 13.28
CA PRO A 235 1.90 -15.64 13.08
C PRO A 235 1.78 -15.98 11.59
N ARG A 236 1.38 -17.21 11.30
CA ARG A 236 0.94 -17.59 9.97
C ARG A 236 -0.40 -16.91 9.69
N LEU A 237 -0.70 -16.71 8.41
CA LEU A 237 -1.97 -16.10 7.98
C LEU A 237 -2.92 -17.23 7.59
N THR A 238 -4.03 -17.35 8.32
CA THR A 238 -4.94 -18.48 8.10
C THR A 238 -6.35 -18.08 7.70
N ILE A 239 -6.46 -16.90 7.10
CA ILE A 239 -7.68 -16.44 6.39
C ILE A 239 -7.42 -16.53 4.87
N PRO A 240 -8.49 -16.69 4.06
CA PRO A 240 -8.32 -16.74 2.60
C PRO A 240 -7.65 -15.47 2.10
N THR A 241 -6.61 -15.66 1.28
CA THR A 241 -5.71 -14.58 0.88
C THR A 241 -5.44 -14.70 -0.62
N LEU A 242 -5.61 -13.59 -1.33
CA LEU A 242 -5.29 -13.49 -2.75
C LEU A 242 -4.12 -12.54 -2.87
N VAL A 243 -3.04 -13.01 -3.51
CA VAL A 243 -1.89 -12.16 -3.80
C VAL A 243 -1.83 -11.99 -5.31
N ILE A 244 -1.90 -10.74 -5.74
CA ILE A 244 -1.82 -10.35 -7.16
C ILE A 244 -0.43 -9.76 -7.36
N TRP A 245 0.28 -10.21 -8.39
CA TRP A 245 1.67 -9.75 -8.57
C TRP A 245 1.95 -9.47 -10.01
N ALA A 246 2.01 -8.18 -10.37
CA ALA A 246 2.48 -7.76 -11.67
C ALA A 246 3.96 -8.09 -11.77
N LEU A 247 4.34 -8.83 -12.81
CA LEU A 247 5.69 -9.40 -12.94
C LEU A 247 6.79 -8.46 -13.40
N ASP A 248 6.44 -7.30 -13.96
CA ASP A 248 7.42 -6.30 -14.42
C ASP A 248 7.48 -5.12 -13.49
N ASP A 249 7.17 -5.34 -12.21
CA ASP A 249 7.32 -4.30 -11.20
C ASP A 249 8.81 -4.22 -10.85
N LEU A 250 9.44 -3.11 -11.20
CA LEU A 250 10.90 -3.03 -11.05
C LEU A 250 11.28 -2.79 -9.61
N ALA A 251 10.33 -2.28 -8.82
CA ALA A 251 10.57 -2.05 -7.39
C ALA A 251 10.43 -3.33 -6.57
N LEU A 252 9.58 -4.24 -7.04
CA LEU A 252 9.21 -5.43 -6.27
C LEU A 252 9.20 -6.65 -7.18
N PRO A 253 10.41 -7.20 -7.44
CA PRO A 253 10.51 -8.34 -8.32
C PRO A 253 9.79 -9.59 -7.79
N PRO A 254 9.47 -10.54 -8.69
CA PRO A 254 8.69 -11.75 -8.33
C PRO A 254 9.29 -12.68 -7.25
N GLU A 255 10.59 -12.53 -6.96
CA GLU A 255 11.21 -13.19 -5.83
C GLU A 255 10.45 -13.01 -4.53
N ASN A 256 9.70 -11.91 -4.43
CA ASN A 256 8.84 -11.64 -3.24
C ASN A 256 7.75 -12.68 -3.00
N LEU A 257 7.43 -13.46 -4.03
CA LEU A 257 6.40 -14.52 -3.87
C LEU A 257 6.94 -15.81 -3.26
N GLU A 258 8.27 -15.98 -3.31
CA GLU A 258 8.97 -17.16 -2.80
CA GLU A 258 8.93 -17.19 -2.81
C GLU A 258 8.78 -17.28 -1.29
N GLY A 259 8.15 -18.35 -0.83
CA GLY A 259 7.98 -18.57 0.60
C GLY A 259 6.59 -18.23 1.12
N LEU A 260 5.74 -17.65 0.27
CA LEU A 260 4.42 -17.25 0.70
C LEU A 260 3.54 -18.46 0.98
N GLU A 261 3.69 -19.49 0.15
CA GLU A 261 2.93 -20.72 0.28
CA GLU A 261 2.93 -20.74 0.28
C GLU A 261 3.10 -21.39 1.66
N GLU A 262 4.28 -21.22 2.26
CA GLU A 262 4.60 -21.87 3.53
CA GLU A 262 4.62 -21.86 3.55
C GLU A 262 3.91 -21.18 4.72
N ILE A 263 3.57 -19.91 4.54
CA ILE A 263 3.09 -19.08 5.66
C ILE A 263 1.66 -18.54 5.54
N ILE A 264 0.95 -18.94 4.47
CA ILE A 264 -0.41 -18.47 4.21
C ILE A 264 -1.24 -19.66 3.75
N ASP A 265 -2.43 -19.82 4.32
CA ASP A 265 -3.33 -20.91 3.95
C ASP A 265 -4.77 -20.51 4.29
N PRO A 266 -5.69 -20.42 3.33
CA PRO A 266 -5.51 -20.78 1.92
C PRO A 266 -5.05 -19.60 1.06
N LEU A 267 -4.02 -19.84 0.23
CA LEU A 267 -3.40 -18.81 -0.57
C LEU A 267 -3.77 -19.03 -2.04
N THR A 268 -4.11 -17.94 -2.73
CA THR A 268 -4.20 -17.94 -4.20
C THR A 268 -3.23 -16.90 -4.68
N ILE A 269 -2.39 -17.29 -5.65
CA ILE A 269 -1.49 -16.33 -6.31
C ILE A 269 -1.92 -16.09 -7.75
N VAL A 270 -2.07 -14.82 -8.10
CA VAL A 270 -2.37 -14.44 -9.47
C VAL A 270 -1.24 -13.58 -9.97
N ARG A 271 -0.39 -14.18 -10.81
CA ARG A 271 0.65 -13.44 -11.50
C ARG A 271 0.07 -12.69 -12.69
N VAL A 272 0.53 -11.45 -12.88
CA VAL A 272 0.14 -10.65 -14.04
C VAL A 272 1.41 -10.32 -14.85
N PRO A 273 1.70 -11.15 -15.88
CA PRO A 273 2.77 -10.79 -16.82
C PRO A 273 2.53 -9.47 -17.54
N ASP A 274 3.63 -8.90 -18.08
CA ASP A 274 3.58 -7.71 -18.93
CA ASP A 274 3.58 -7.71 -18.95
C ASP A 274 2.81 -6.55 -18.28
N CYS A 275 3.06 -6.36 -16.98
CA CYS A 275 2.41 -5.30 -16.23
C CYS A 275 3.39 -4.75 -15.20
N GLY A 276 3.37 -3.43 -15.04
CA GLY A 276 4.26 -2.75 -14.11
C GLY A 276 3.64 -2.66 -12.72
N HIS A 277 4.27 -1.86 -11.88
CA HIS A 277 3.94 -1.78 -10.45
C HIS A 277 2.45 -1.47 -10.13
N PHE A 278 1.83 -0.57 -10.90
CA PHE A 278 0.54 0.00 -10.50
C PHE A 278 -0.59 -0.86 -11.02
N VAL A 279 -0.54 -2.11 -10.64
CA VAL A 279 -1.42 -3.14 -11.19
C VAL A 279 -2.95 -2.85 -11.06
N PRO A 280 -3.44 -2.20 -9.95
CA PRO A 280 -4.90 -2.05 -9.88
C PRO A 280 -5.49 -1.27 -11.06
N TRP A 281 -4.79 -0.23 -11.52
CA TRP A 281 -5.28 0.53 -12.66
C TRP A 281 -4.55 0.27 -13.99
N GLU A 282 -3.37 -0.38 -13.92
CA GLU A 282 -2.67 -0.76 -15.17
CA GLU A 282 -2.63 -0.80 -15.12
C GLU A 282 -3.27 -2.02 -15.76
N ALA A 283 -3.69 -2.95 -14.91
CA ALA A 283 -4.35 -4.18 -15.37
C ALA A 283 -5.69 -4.41 -14.61
N PRO A 284 -6.62 -3.44 -14.73
CA PRO A 284 -7.84 -3.49 -13.91
C PRO A 284 -8.70 -4.70 -14.25
N ASP A 285 -8.70 -5.14 -15.52
CA ASP A 285 -9.55 -6.30 -15.84
C ASP A 285 -9.02 -7.62 -15.31
N ALA A 286 -7.70 -7.82 -15.31
CA ALA A 286 -7.10 -8.98 -14.64
C ALA A 286 -7.35 -8.93 -13.12
N VAL A 287 -7.16 -7.76 -12.51
CA VAL A 287 -7.39 -7.59 -11.07
C VAL A 287 -8.87 -7.86 -10.74
N ASN A 288 -9.79 -7.27 -11.49
CA ASN A 288 -11.24 -7.51 -11.26
C ASN A 288 -11.58 -8.97 -11.42
N ALA A 289 -11.02 -9.61 -12.47
CA ALA A 289 -11.23 -11.04 -12.71
C ALA A 289 -10.75 -11.90 -11.52
N ALA A 290 -9.56 -11.59 -11.00
CA ALA A 290 -9.00 -12.35 -9.86
C ALA A 290 -9.92 -12.19 -8.64
N MET A 291 -10.30 -10.95 -8.36
CA MET A 291 -11.16 -10.64 -7.22
C MET A 291 -12.54 -11.29 -7.36
N GLU A 292 -13.14 -11.25 -8.56
CA GLU A 292 -14.43 -11.91 -8.77
C GLU A 292 -14.37 -13.38 -8.41
N GLY A 293 -13.37 -14.10 -8.93
CA GLY A 293 -13.26 -15.54 -8.66
C GLY A 293 -13.05 -15.80 -7.18
N PHE A 294 -12.17 -15.01 -6.58
CA PHE A 294 -11.77 -15.17 -5.18
C PHE A 294 -12.92 -14.86 -4.23
N LEU A 295 -13.68 -13.79 -4.54
CA LEU A 295 -14.74 -13.33 -3.65
C LEU A 295 -16.04 -14.09 -3.79
N ALA A 296 -16.10 -14.97 -4.78
CA ALA A 296 -17.34 -15.71 -5.13
C ALA A 296 -17.89 -16.57 -3.99
N GLY A 297 -19.21 -16.52 -3.81
CA GLY A 297 -19.90 -17.13 -2.67
C GLY A 297 -19.92 -18.66 -2.53
N HIS A 298 -19.53 -19.38 -3.57
CA HIS A 298 -19.40 -20.86 -3.49
C HIS A 298 -18.18 -21.27 -2.67
#